data_3TDQ
#
_entry.id   3TDQ
#
_cell.length_a   51.156
_cell.length_b   53.582
_cell.length_c   76.667
_cell.angle_alpha   90.000
_cell.angle_beta   90.000
_cell.angle_gamma   90.000
#
_symmetry.space_group_name_H-M   'P 21 21 21'
#
loop_
_entity.id
_entity.type
_entity.pdbx_description
1 polymer 'PilY2 protein'
2 non-polymer 'CHLORIDE ION'
3 non-polymer 'SODIUM ION'
4 non-polymer GLYCEROL
5 water water
#
_entity_poly.entity_id   1
_entity_poly.type   'polypeptide(L)'
_entity_poly.pdbx_seq_one_letter_code
;GEDPQTFEGAGVVFEVQVEKNLVDIDHRLYRLPNSTVRNG(MSE)PSLFQVKPGSVVSYSGTVSQPWSTITDIYIHKQ
(MSE)SEQELAE(MSE)IEKEQPRQDGEEQPR
;
_entity_poly.pdbx_strand_id   A,B
#
# COMPACT_ATOMS: atom_id res chain seq x y z
N GLU A 2 -14.55 7.71 13.35
CA GLU A 2 -14.02 8.47 12.23
C GLU A 2 -13.15 9.66 12.70
N ASP A 3 -11.92 9.77 12.17
CA ASP A 3 -11.02 10.88 12.51
C ASP A 3 -11.12 11.98 11.44
N PRO A 4 -11.63 13.19 11.76
CA PRO A 4 -11.69 14.26 10.72
C PRO A 4 -10.32 14.85 10.35
N GLN A 5 -9.23 14.44 11.02
CA GLN A 5 -7.87 14.91 10.78
C GLN A 5 -7.10 13.99 9.86
N THR A 6 -7.64 12.83 9.55
CA THR A 6 -6.99 11.91 8.61
C THR A 6 -7.90 11.74 7.40
N PHE A 7 -7.33 11.30 6.31
CA PHE A 7 -8.12 11.05 5.10
C PHE A 7 -7.54 9.84 4.36
N GLU A 8 -8.34 9.25 3.47
CA GLU A 8 -7.92 8.16 2.62
C GLU A 8 -8.69 8.25 1.31
N GLY A 9 -8.02 7.91 0.23
CA GLY A 9 -8.65 7.90 -1.09
C GLY A 9 -7.95 6.99 -2.06
N ALA A 10 -8.41 7.01 -3.31
CA ALA A 10 -7.82 6.25 -4.42
C ALA A 10 -8.09 6.97 -5.72
N GLY A 11 -7.16 6.89 -6.65
CA GLY A 11 -7.32 7.55 -7.94
C GLY A 11 -6.18 7.31 -8.88
N VAL A 12 -6.05 8.20 -9.86
CA VAL A 12 -5.03 8.15 -10.90
C VAL A 12 -4.18 9.41 -10.77
N VAL A 13 -2.85 9.26 -10.80
CA VAL A 13 -1.91 10.39 -10.79
C VAL A 13 -1.93 11.03 -12.19
N PHE A 14 -2.12 12.34 -12.28
CA PHE A 14 -2.10 13.06 -13.56
C PHE A 14 -0.77 13.81 -13.74
N GLU A 15 -0.16 14.26 -12.64
CA GLU A 15 1.10 14.98 -12.65
C GLU A 15 1.77 14.90 -11.30
N VAL A 16 3.10 15.09 -11.31
CA VAL A 16 3.96 15.12 -10.14
C VAL A 16 4.88 16.34 -10.28
N GLN A 17 4.96 17.15 -9.24
CA GLN A 17 5.86 18.30 -9.23
C GLN A 17 6.85 18.07 -8.10
N VAL A 18 7.93 17.36 -8.41
CA VAL A 18 8.95 16.97 -7.41
C VAL A 18 9.55 18.19 -6.68
N GLU A 19 9.73 19.32 -7.41
CA GLU A 19 10.32 20.56 -6.89
C GLU A 19 9.46 21.22 -5.81
N LYS A 20 8.14 20.97 -5.83
CA LYS A 20 7.21 21.56 -4.86
C LYS A 20 6.60 20.53 -3.92
N ASN A 21 7.06 19.26 -3.99
CA ASN A 21 6.51 18.15 -3.20
C ASN A 21 4.99 18.06 -3.40
N LEU A 22 4.56 18.13 -4.65
CA LEU A 22 3.13 18.06 -4.94
C LEU A 22 2.81 16.94 -5.90
N VAL A 23 1.67 16.33 -5.68
CA VAL A 23 1.15 15.28 -6.54
C VAL A 23 -0.31 15.64 -6.88
N ASP A 24 -0.63 15.50 -8.15
CA ASP A 24 -1.96 15.75 -8.70
C ASP A 24 -2.62 14.39 -8.94
N ILE A 25 -3.68 14.11 -8.19
CA ILE A 25 -4.48 12.88 -8.27
C ILE A 25 -5.91 13.29 -8.59
N ASP A 26 -6.43 12.85 -9.76
CA ASP A 26 -7.81 13.16 -10.22
C ASP A 26 -8.08 14.70 -10.15
N HIS A 27 -7.06 15.52 -10.50
CA HIS A 27 -7.13 16.99 -10.57
C HIS A 27 -7.24 17.67 -9.21
N ARG A 28 -6.98 16.94 -8.11
CA ARG A 28 -6.85 17.50 -6.75
C ARG A 28 -5.36 17.50 -6.41
N LEU A 29 -4.90 18.42 -5.55
CA LEU A 29 -3.48 18.47 -5.18
C LEU A 29 -3.26 18.08 -3.74
N TYR A 30 -2.15 17.35 -3.53
CA TYR A 30 -1.73 16.90 -2.23
C TYR A 30 -0.27 17.14 -2.04
N ARG A 31 0.14 17.35 -0.79
CA ARG A 31 1.55 17.47 -0.47
CA ARG A 31 1.55 17.47 -0.46
C ARG A 31 2.10 16.05 -0.36
N LEU A 32 3.22 15.76 -1.02
CA LEU A 32 3.85 14.46 -0.94
C LEU A 32 5.30 14.72 -0.50
N PRO A 33 5.54 14.80 0.83
CA PRO A 33 6.88 15.16 1.33
C PRO A 33 7.88 14.04 1.13
N ASN A 34 9.17 14.37 1.18
CA ASN A 34 10.26 13.37 1.03
C ASN A 34 10.22 12.32 2.14
N SER A 35 9.59 12.64 3.30
CA SER A 35 9.47 11.74 4.45
C SER A 35 8.46 10.59 4.18
N THR A 36 7.64 10.65 3.10
CA THR A 36 6.73 9.54 2.74
C THR A 36 7.61 8.62 1.91
N VAL A 37 8.09 7.55 2.57
N VAL A 37 8.08 7.55 2.57
CA VAL A 37 9.07 6.63 2.03
CA VAL A 37 9.04 6.61 2.02
C VAL A 37 8.55 5.18 2.07
C VAL A 37 8.52 5.17 2.06
N ARG A 38 8.85 4.42 1.01
CA ARG A 38 8.48 3.02 0.86
C ARG A 38 9.73 2.31 0.31
N ASN A 39 10.20 1.28 1.02
CA ASN A 39 11.39 0.48 0.68
C ASN A 39 12.65 1.37 0.52
N GLY A 40 12.83 2.30 1.46
CA GLY A 40 13.95 3.25 1.49
C GLY A 40 13.95 4.34 0.44
N PRO A 42 11.83 7.71 -1.47
CA PRO A 42 10.66 8.62 -1.37
C PRO A 42 9.63 8.31 -2.45
N SER A 43 8.37 8.13 -2.04
CA SER A 43 7.27 7.81 -2.97
C SER A 43 7.07 8.90 -4.03
N LEU A 44 7.50 10.15 -3.74
CA LEU A 44 7.42 11.27 -4.67
C LEU A 44 8.13 10.95 -6.01
N PHE A 45 9.19 10.15 -5.96
CA PHE A 45 9.96 9.80 -7.17
C PHE A 45 9.53 8.47 -7.78
N GLN A 46 8.57 7.78 -7.16
CA GLN A 46 8.04 6.50 -7.65
C GLN A 46 6.74 6.69 -8.43
N VAL A 47 5.85 7.59 -7.95
CA VAL A 47 4.60 7.88 -8.65
C VAL A 47 4.89 8.61 -9.96
N LYS A 48 4.10 8.34 -10.99
CA LYS A 48 4.26 8.96 -12.32
C LYS A 48 2.88 9.28 -12.87
N PRO A 49 2.76 10.16 -13.90
CA PRO A 49 1.45 10.31 -14.56
C PRO A 49 0.98 8.94 -15.08
N GLY A 50 -0.25 8.57 -14.77
CA GLY A 50 -0.79 7.26 -15.13
C GLY A 50 -0.77 6.26 -13.99
N SER A 51 -0.03 6.53 -12.89
CA SER A 51 -0.02 5.60 -11.73
C SER A 51 -1.40 5.52 -11.12
N VAL A 52 -1.86 4.29 -10.82
CA VAL A 52 -3.14 4.08 -10.17
C VAL A 52 -2.78 3.91 -8.70
N VAL A 53 -3.36 4.74 -7.81
CA VAL A 53 -2.91 4.75 -6.41
C VAL A 53 -4.01 4.67 -5.36
N SER A 54 -3.64 4.14 -4.18
CA SER A 54 -4.41 4.15 -2.93
C SER A 54 -3.55 4.98 -1.99
N TYR A 55 -4.14 5.91 -1.24
CA TYR A 55 -3.31 6.77 -0.39
C TYR A 55 -4.04 7.18 0.87
N SER A 56 -3.27 7.59 1.88
CA SER A 56 -3.84 8.10 3.12
C SER A 56 -2.91 9.13 3.70
N GLY A 57 -3.44 9.97 4.58
CA GLY A 57 -2.63 11.01 5.18
C GLY A 57 -3.35 11.83 6.23
N THR A 58 -2.80 13.02 6.49
CA THR A 58 -3.28 13.95 7.50
C THR A 58 -3.72 15.23 6.81
N VAL A 59 -4.84 15.76 7.29
CA VAL A 59 -5.38 17.02 6.82
C VAL A 59 -4.41 18.15 7.23
N SER A 60 -4.06 19.02 6.28
CA SER A 60 -3.14 20.14 6.50
C SER A 60 -3.37 21.22 5.47
N GLN A 61 -2.79 22.37 5.74
CA GLN A 61 -2.93 23.58 4.92
C GLN A 61 -1.56 23.98 4.33
N PRO A 62 -1.47 24.45 3.07
CA PRO A 62 -2.56 24.63 2.07
C PRO A 62 -3.02 23.33 1.45
N TRP A 63 -2.17 22.28 1.42
CA TRP A 63 -2.55 20.99 0.85
C TRP A 63 -2.45 19.91 1.88
N SER A 64 -3.38 18.93 1.83
CA SER A 64 -3.34 17.80 2.77
C SER A 64 -2.15 16.91 2.42
N THR A 65 -1.56 16.27 3.44
CA THR A 65 -0.30 15.54 3.32
C THR A 65 -0.51 14.04 3.21
N ILE A 66 0.00 13.45 2.13
CA ILE A 66 -0.04 12.00 1.94
C ILE A 66 1.15 11.42 2.70
N THR A 67 0.85 10.54 3.68
CA THR A 67 1.90 9.90 4.49
C THR A 67 2.08 8.44 4.12
N ASP A 68 1.20 7.92 3.24
CA ASP A 68 1.23 6.50 2.80
C ASP A 68 0.60 6.39 1.43
N ILE A 69 1.35 5.88 0.44
CA ILE A 69 0.79 5.75 -0.91
C ILE A 69 1.27 4.44 -1.55
N TYR A 70 0.32 3.73 -2.20
CA TYR A 70 0.58 2.45 -2.84
C TYR A 70 0.22 2.51 -4.32
N ILE A 71 1.13 2.05 -5.18
CA ILE A 71 0.90 2.01 -6.62
C ILE A 71 0.34 0.64 -6.98
N HIS A 72 -0.85 0.61 -7.58
CA HIS A 72 -1.51 -0.61 -8.04
C HIS A 72 -0.77 -1.13 -9.27
N LYS A 73 -0.42 -2.43 -9.25
CA LYS A 73 0.32 -3.05 -10.34
C LYS A 73 -0.62 -3.73 -11.31
N GLN A 74 -1.36 -2.92 -12.07
CA GLN A 74 -2.38 -3.37 -13.03
C GLN A 74 -1.81 -4.24 -14.15
N SER A 76 0.70 -6.43 -13.63
CA SER A 76 1.11 -7.73 -13.09
C SER A 76 -0.08 -8.69 -13.16
N GLU A 77 0.20 -10.00 -13.16
CA GLU A 77 -0.82 -11.05 -13.09
C GLU A 77 -1.58 -10.88 -11.79
N GLN A 78 -2.91 -10.94 -11.86
CA GLN A 78 -3.79 -10.65 -10.73
C GLN A 78 -4.32 -11.90 -10.05
N GLU A 79 -4.22 -11.98 -8.70
CA GLU A 79 -4.78 -13.11 -7.95
C GLU A 79 -6.30 -13.20 -8.16
N LEU A 80 -7.01 -12.04 -8.29
CA LEU A 80 -8.47 -12.07 -8.52
C LEU A 80 -8.79 -12.72 -9.88
N ALA A 81 -7.94 -12.51 -10.92
CA ALA A 81 -8.09 -13.17 -12.22
C ALA A 81 -7.90 -14.70 -12.08
N GLU A 82 -6.90 -15.13 -11.30
CA GLU A 82 -6.66 -16.55 -11.01
C GLU A 82 -7.88 -17.16 -10.29
N ILE A 84 -11.11 -16.00 -10.42
CA ILE A 84 -12.21 -16.05 -11.39
C ILE A 84 -12.01 -17.23 -12.38
N GLU A 85 -10.77 -17.55 -12.76
CA GLU A 85 -10.45 -18.67 -13.66
C GLU A 85 -10.71 -20.04 -12.99
N LYS A 86 -10.50 -20.13 -11.65
CA LYS A 86 -10.72 -21.35 -10.86
C LYS A 86 -12.21 -21.54 -10.56
N GLU A 87 -12.95 -20.44 -10.40
CA GLU A 87 -14.40 -20.45 -10.12
C GLU A 87 -15.18 -20.64 -11.42
N GLN B 5 6.47 -14.39 -12.61
CA GLN B 5 7.40 -13.77 -11.68
C GLN B 5 6.70 -12.79 -10.74
N THR B 6 5.88 -11.81 -11.20
CA THR B 6 5.27 -10.88 -10.23
C THR B 6 3.78 -11.14 -10.06
N PHE B 7 3.21 -10.72 -8.93
CA PHE B 7 1.79 -10.91 -8.67
C PHE B 7 1.25 -9.74 -7.86
N GLU B 8 -0.08 -9.58 -7.85
CA GLU B 8 -0.77 -8.60 -7.02
C GLU B 8 -2.09 -9.18 -6.55
N GLY B 9 -2.46 -8.85 -5.32
CA GLY B 9 -3.74 -9.28 -4.77
C GLY B 9 -4.26 -8.31 -3.72
N ALA B 10 -5.40 -8.65 -3.15
CA ALA B 10 -6.02 -7.88 -2.06
C ALA B 10 -6.80 -8.85 -1.20
N GLY B 11 -6.85 -8.57 0.11
CA GLY B 11 -7.57 -9.44 1.00
C GLY B 11 -7.54 -8.96 2.43
N VAL B 12 -7.86 -9.87 3.33
CA VAL B 12 -7.93 -9.64 4.76
C VAL B 12 -6.88 -10.51 5.44
N VAL B 13 -6.07 -9.91 6.32
CA VAL B 13 -5.08 -10.64 7.11
C VAL B 13 -5.82 -11.47 8.18
N PHE B 14 -5.55 -12.77 8.29
CA PHE B 14 -6.16 -13.62 9.32
C PHE B 14 -5.17 -13.91 10.44
N GLU B 15 -3.85 -14.01 10.11
CA GLU B 15 -2.79 -14.34 11.06
C GLU B 15 -1.45 -13.80 10.60
N VAL B 16 -0.59 -13.43 11.58
CA VAL B 16 0.77 -12.96 11.34
C VAL B 16 1.70 -13.77 12.21
N GLN B 17 2.78 -14.29 11.61
CA GLN B 17 3.77 -15.06 12.36
C GLN B 17 5.09 -14.30 12.20
N VAL B 18 5.31 -13.29 13.04
CA VAL B 18 6.47 -12.39 12.94
C VAL B 18 7.80 -13.16 13.00
N GLU B 19 7.87 -14.22 13.81
CA GLU B 19 9.08 -15.03 14.02
C GLU B 19 9.49 -15.83 12.80
N LYS B 20 8.55 -16.08 11.87
CA LYS B 20 8.81 -16.84 10.65
C LYS B 20 8.70 -15.98 9.40
N ASN B 21 8.48 -14.65 9.56
CA ASN B 21 8.27 -13.72 8.44
C ASN B 21 7.13 -14.24 7.54
N LEU B 22 6.02 -14.65 8.15
CA LEU B 22 4.87 -15.15 7.39
C LEU B 22 3.61 -14.38 7.72
N VAL B 23 2.76 -14.22 6.72
CA VAL B 23 1.49 -13.56 6.86
C VAL B 23 0.43 -14.45 6.17
N ASP B 24 -0.70 -14.62 6.83
CA ASP B 24 -1.83 -15.37 6.33
C ASP B 24 -2.89 -14.36 5.87
N ILE B 25 -3.17 -14.34 4.56
CA ILE B 25 -4.16 -13.47 3.92
C ILE B 25 -5.18 -14.36 3.21
N ASP B 26 -6.46 -14.33 3.63
CA ASP B 26 -7.54 -15.15 3.06
C ASP B 26 -7.15 -16.64 3.01
N HIS B 27 -6.46 -17.12 4.06
CA HIS B 27 -6.04 -18.52 4.28
C HIS B 27 -4.92 -18.96 3.31
N ARG B 28 -4.22 -18.00 2.71
CA ARG B 28 -3.04 -18.22 1.86
C ARG B 28 -1.81 -17.70 2.59
N LEU B 29 -0.69 -18.42 2.54
CA LEU B 29 0.52 -17.94 3.22
C LEU B 29 1.46 -17.27 2.27
N TYR B 30 2.05 -16.18 2.73
CA TYR B 30 3.04 -15.40 2.00
C TYR B 30 4.23 -15.11 2.86
N ARG B 31 5.42 -15.00 2.25
CA ARG B 31 6.60 -14.57 2.99
C ARG B 31 6.53 -13.05 3.06
N LEU B 32 6.71 -12.46 4.26
CA LEU B 32 6.70 -11.01 4.44
C LEU B 32 8.02 -10.64 5.13
N PRO B 33 9.09 -10.44 4.33
CA PRO B 33 10.41 -10.16 4.94
C PRO B 33 10.47 -8.77 5.58
N ASN B 34 11.42 -8.55 6.49
CA ASN B 34 11.59 -7.27 7.14
C ASN B 34 11.97 -6.17 6.15
N SER B 35 12.46 -6.52 4.95
CA SER B 35 12.83 -5.56 3.89
C SER B 35 11.59 -4.91 3.25
N THR B 36 10.36 -5.43 3.49
CA THR B 36 9.12 -4.79 3.01
C THR B 36 8.82 -3.72 4.08
N VAL B 37 9.20 -2.45 3.78
CA VAL B 37 9.18 -1.33 4.74
CA VAL B 37 9.15 -1.33 4.73
C VAL B 37 8.42 -0.09 4.21
N ARG B 38 7.80 0.62 5.13
CA ARG B 38 7.09 1.87 4.89
C ARG B 38 7.43 2.80 6.03
N ASN B 39 7.86 4.04 5.72
CA ASN B 39 8.25 5.08 6.67
C ASN B 39 9.19 4.52 7.77
N GLY B 40 10.18 3.76 7.33
CA GLY B 40 11.19 3.16 8.20
C GLY B 40 10.73 2.02 9.08
N PRO B 42 9.06 -1.97 9.31
CA PRO B 42 8.68 -3.18 8.56
C PRO B 42 7.18 -3.43 8.62
N SER B 43 6.56 -3.63 7.46
CA SER B 43 5.11 -3.87 7.34
C SER B 43 4.66 -5.10 8.12
N LEU B 44 5.57 -6.07 8.31
CA LEU B 44 5.28 -7.29 9.10
C LEU B 44 4.76 -6.96 10.51
N PHE B 45 5.21 -5.85 11.10
CA PHE B 45 4.81 -5.45 12.46
C PHE B 45 3.65 -4.48 12.47
N GLN B 46 3.18 -4.05 11.29
CA GLN B 46 2.05 -3.13 11.14
C GLN B 46 0.74 -3.88 10.87
N VAL B 47 0.80 -4.95 10.04
CA VAL B 47 -0.38 -5.76 9.71
C VAL B 47 -0.81 -6.54 10.96
N LYS B 48 -2.12 -6.72 11.13
CA LYS B 48 -2.73 -7.42 12.24
C LYS B 48 -3.89 -8.27 11.74
N PRO B 49 -4.36 -9.30 12.48
CA PRO B 49 -5.60 -9.98 12.07
C PRO B 49 -6.73 -8.96 11.90
N GLY B 50 -7.41 -8.98 10.77
CA GLY B 50 -8.45 -8.00 10.46
C GLY B 50 -8.00 -6.88 9.54
N SER B 51 -6.67 -6.70 9.31
CA SER B 51 -6.19 -5.67 8.38
C SER B 51 -6.65 -5.97 6.97
N VAL B 52 -7.18 -4.95 6.28
CA VAL B 52 -7.62 -5.08 4.89
C VAL B 52 -6.43 -4.58 4.07
N VAL B 53 -5.91 -5.43 3.17
CA VAL B 53 -4.67 -5.08 2.48
C VAL B 53 -4.69 -5.23 0.97
N SER B 54 -3.86 -4.43 0.29
CA SER B 54 -3.50 -4.54 -1.13
C SER B 54 -2.04 -4.88 -1.11
N TYR B 55 -1.59 -5.86 -1.92
CA TYR B 55 -0.19 -6.26 -1.85
C TYR B 55 0.32 -6.74 -3.20
N SER B 56 1.64 -6.70 -3.38
CA SER B 56 2.27 -7.17 -4.60
C SER B 56 3.62 -7.76 -4.26
N GLY B 57 4.14 -8.59 -5.15
CA GLY B 57 5.41 -9.22 -4.89
C GLY B 57 5.91 -10.09 -6.01
N THR B 58 6.83 -11.00 -5.68
CA THR B 58 7.47 -11.95 -6.61
C THR B 58 7.05 -13.37 -6.26
N VAL B 59 6.75 -14.14 -7.30
CA VAL B 59 6.38 -15.55 -7.18
C VAL B 59 7.62 -16.31 -6.70
N SER B 60 7.46 -17.13 -5.64
CA SER B 60 8.53 -17.95 -5.06
C SER B 60 7.89 -19.20 -4.43
N GLN B 61 8.67 -20.29 -4.24
CA GLN B 61 8.14 -21.55 -3.69
C GLN B 61 8.72 -21.86 -2.30
N PRO B 62 7.94 -22.41 -1.32
CA PRO B 62 6.51 -22.79 -1.38
C PRO B 62 5.56 -21.58 -1.30
N TRP B 63 6.03 -20.46 -0.73
CA TRP B 63 5.23 -19.25 -0.60
C TRP B 63 5.85 -18.09 -1.35
N SER B 64 4.97 -17.28 -1.96
CA SER B 64 5.35 -16.11 -2.71
C SER B 64 5.74 -14.97 -1.76
N THR B 65 6.59 -14.05 -2.21
CA THR B 65 7.13 -12.99 -1.37
C THR B 65 6.43 -11.65 -1.62
N ILE B 66 5.88 -11.06 -0.55
CA ILE B 66 5.24 -9.75 -0.64
C ILE B 66 6.33 -8.71 -0.48
N THR B 67 6.53 -7.86 -1.50
CA THR B 67 7.56 -6.82 -1.46
C THR B 67 6.94 -5.43 -1.31
N ASP B 68 5.60 -5.34 -1.35
CA ASP B 68 4.88 -4.08 -1.18
C ASP B 68 3.49 -4.35 -0.60
N ILE B 69 3.11 -3.72 0.52
CA ILE B 69 1.77 -3.94 1.08
C ILE B 69 1.22 -2.64 1.65
N TYR B 70 -0.09 -2.41 1.45
CA TYR B 70 -0.78 -1.22 1.92
C TYR B 70 -1.99 -1.61 2.78
N ILE B 71 -2.12 -1.00 3.97
CA ILE B 71 -3.26 -1.26 4.84
C ILE B 71 -4.33 -0.23 4.55
N HIS B 72 -5.54 -0.69 4.18
CA HIS B 72 -6.71 0.17 3.91
C HIS B 72 -7.19 0.69 5.25
N LYS B 73 -7.09 1.99 5.51
CA LYS B 73 -7.34 2.54 6.84
C LYS B 73 -8.82 2.51 7.27
N GLN B 74 -9.76 2.85 6.37
CA GLN B 74 -11.18 2.86 6.72
C GLN B 74 -11.76 1.44 6.74
N SER B 76 -10.15 -1.52 7.23
CA SER B 76 -9.59 -2.34 8.32
C SER B 76 -10.34 -2.08 9.64
N GLU B 77 -10.85 -0.84 9.81
CA GLU B 77 -11.64 -0.44 10.98
C GLU B 77 -13.03 -1.09 10.89
N GLN B 78 -13.61 -1.15 9.66
CA GLN B 78 -14.91 -1.75 9.37
C GLN B 78 -14.86 -3.29 9.49
N GLU B 79 -13.71 -3.91 9.10
CA GLU B 79 -13.49 -5.36 9.15
C GLU B 79 -13.42 -5.84 10.61
N LEU B 80 -12.70 -5.10 11.48
CA LEU B 80 -12.55 -5.40 12.92
C LEU B 80 -13.88 -5.31 13.66
N ALA B 81 -14.84 -4.50 13.15
CA ALA B 81 -16.17 -4.31 13.74
C ALA B 81 -17.20 -5.28 13.15
#